data_9NHW
#
_entry.id   9NHW
#
_cell.length_a   146.299
_cell.length_b   146.299
_cell.length_c   146.299
_cell.angle_alpha   90.000
_cell.angle_beta   90.000
_cell.angle_gamma   90.000
#
_symmetry.space_group_name_H-M   'I 2 3'
#
loop_
_entity.id
_entity.type
_entity.pdbx_description
1 polymer 'Epidermal growth factor receptor'
2 non-polymer 'Oritinib, bound form'
3 water water
#
_entity_poly.entity_id   1
_entity_poly.type   'polypeptide(L)'
_entity_poly.pdbx_seq_one_letter_code
;GEAPNQALLRILKETEFKKIKVLGSGAFGTVYKGLWIPEGEKVKIPVAIKELREATSPKANKEILDEAYVMASVDNPHVC
RLLGICLTSTVQLITQLMPFGCLLDYVREHKDNIGSQYLLNWCVQIAKGMNYLEDRRLVHRDLAARNVLVKTPQHVKITD
FGLAKLLGAEEKEYHAEGGKVPIKWMALESILHRIYTHQSDVWSYGVTVWELMTFGSKPYDGIPASEISSILEKGERLPQ
PPICTIDVYMIMVKCWMIDADSRPKFRELIIEFSKMARDPQRYLVIQGDERMHLPSPTDSNFYRALMDEEDMDDVVDADE
YLIPQQG
;
_entity_poly.pdbx_strand_id   A
#
loop_
_chem_comp.id
_chem_comp.type
_chem_comp.name
_chem_comp.formula
A1BYD non-polymer 'Oritinib, bound form' 'C31 H39 N7 O2'
#
# COMPACT_ATOMS: atom_id res chain seq x y z
N ALA A 3 -13.82 9.03 -19.69
CA ALA A 3 -14.69 7.85 -19.61
C ALA A 3 -15.51 7.81 -18.32
N PRO A 4 -16.78 7.40 -18.43
CA PRO A 4 -17.67 7.40 -17.26
C PRO A 4 -17.27 6.31 -16.26
N ASN A 5 -17.37 6.64 -14.98
CA ASN A 5 -17.01 5.72 -13.89
C ASN A 5 -18.27 4.98 -13.48
N GLN A 6 -18.53 3.84 -14.11
CA GLN A 6 -19.71 3.05 -13.81
C GLN A 6 -19.50 2.05 -12.69
N ALA A 7 -18.60 2.37 -11.75
CA ALA A 7 -18.46 1.51 -10.58
C ALA A 7 -19.74 1.50 -9.76
N LEU A 8 -19.97 0.39 -9.06
CA LEU A 8 -21.18 0.19 -8.27
C LEU A 8 -20.87 0.42 -6.80
N LEU A 9 -21.57 1.37 -6.18
CA LEU A 9 -21.44 1.63 -4.76
C LEU A 9 -22.47 0.76 -4.04
N ARG A 10 -21.99 -0.21 -3.27
CA ARG A 10 -22.87 -1.15 -2.59
C ARG A 10 -23.12 -0.70 -1.16
N ILE A 11 -24.38 -0.72 -0.74
CA ILE A 11 -24.81 -0.25 0.56
C ILE A 11 -25.25 -1.46 1.38
N LEU A 12 -24.69 -1.61 2.57
CA LEU A 12 -24.84 -2.82 3.36
C LEU A 12 -25.73 -2.54 4.57
N LYS A 13 -26.55 -3.53 4.92
CA LYS A 13 -27.34 -3.43 6.15
C LYS A 13 -26.44 -3.61 7.37
N GLU A 14 -26.66 -2.78 8.39
CA GLU A 14 -25.90 -2.92 9.61
C GLU A 14 -26.18 -4.26 10.28
N THR A 15 -27.39 -4.77 10.13
CA THR A 15 -27.77 -6.08 10.67
C THR A 15 -27.10 -7.23 9.93
N GLU A 16 -26.23 -6.97 8.97
CA GLU A 16 -25.49 -8.01 8.26
C GLU A 16 -24.05 -8.15 8.73
N PHE A 17 -23.64 -7.38 9.74
CA PHE A 17 -22.31 -7.52 10.32
C PHE A 17 -22.40 -8.14 11.71
N LYS A 18 -21.24 -8.58 12.20
CA LYS A 18 -21.16 -9.13 13.58
C LYS A 18 -19.83 -8.61 14.17
N LYS A 19 -19.58 -7.30 14.09
CA LYS A 19 -18.31 -6.71 14.57
C LYS A 19 -17.73 -7.53 15.73
N LEU A 23 -9.52 -3.53 16.65
CA LEU A 23 -8.39 -3.84 15.74
C LEU A 23 -7.40 -2.67 15.73
N GLY A 24 -7.90 -1.43 15.58
CA GLY A 24 -7.01 -0.27 15.53
C GLY A 24 -7.79 1.02 15.66
N SER A 25 -7.35 1.91 16.54
CA SER A 25 -8.02 3.23 16.72
C SER A 25 -6.99 4.37 16.66
N GLY A 26 -7.43 5.59 16.38
CA GLY A 26 -6.51 6.74 16.28
C GLY A 26 -7.16 7.93 15.60
N GLY A 29 -9.83 7.43 13.33
CA GLY A 29 -11.07 6.69 13.65
C GLY A 29 -10.76 5.33 14.22
N THR A 30 -11.70 4.39 14.08
CA THR A 30 -11.51 3.02 14.60
C THR A 30 -11.75 2.02 13.50
N VAL A 31 -10.84 1.07 13.31
CA VAL A 31 -11.06 -0.04 12.33
C VAL A 31 -11.38 -1.29 13.16
N TYR A 32 -12.39 -2.06 12.77
CA TYR A 32 -12.79 -3.26 13.54
C TYR A 32 -12.71 -4.49 12.66
N LYS A 33 -12.94 -5.66 13.25
CA LYS A 33 -12.97 -6.92 12.48
C LYS A 33 -14.38 -7.50 12.60
N GLY A 34 -14.84 -8.26 11.61
CA GLY A 34 -16.16 -8.90 11.74
C GLY A 34 -16.54 -9.82 10.60
N LEU A 35 -17.78 -10.31 10.61
CA LEU A 35 -18.33 -11.19 9.59
C LEU A 35 -19.45 -10.45 8.89
N TRP A 36 -19.46 -10.52 7.57
CA TRP A 36 -20.55 -9.98 6.76
C TRP A 36 -21.35 -11.15 6.24
N ILE A 37 -22.60 -11.27 6.70
CA ILE A 37 -23.46 -12.38 6.29
C ILE A 37 -24.60 -11.80 5.46
N PRO A 38 -24.45 -11.73 4.14
CA PRO A 38 -25.56 -11.26 3.31
C PRO A 38 -26.77 -12.17 3.49
N GLU A 39 -27.93 -11.55 3.68
CA GLU A 39 -29.16 -12.30 3.87
C GLU A 39 -29.41 -13.22 2.68
N GLY A 40 -29.79 -14.46 2.98
CA GLY A 40 -30.09 -15.43 1.94
C GLY A 40 -28.93 -16.36 1.64
N GLU A 41 -27.95 -15.87 0.89
CA GLU A 41 -26.81 -16.69 0.50
C GLU A 41 -26.04 -17.13 1.74
N LYS A 42 -25.87 -18.45 1.88
CA LYS A 42 -25.25 -19.04 3.06
C LYS A 42 -23.74 -18.81 2.97
N VAL A 43 -23.29 -17.68 3.51
CA VAL A 43 -21.95 -17.19 3.20
C VAL A 43 -21.52 -16.21 4.29
N LYS A 44 -20.29 -16.36 4.78
CA LYS A 44 -19.78 -15.52 5.87
C LYS A 44 -18.43 -14.93 5.46
N ILE A 45 -18.40 -13.62 5.21
CA ILE A 45 -17.24 -12.94 4.64
C ILE A 45 -16.46 -12.27 5.77
N PRO A 46 -15.19 -12.63 6.00
CA PRO A 46 -14.38 -11.90 6.98
C PRO A 46 -14.05 -10.50 6.47
N VAL A 47 -14.48 -9.48 7.21
CA VAL A 47 -14.38 -8.10 6.77
C VAL A 47 -13.73 -7.26 7.86
N ALA A 48 -13.22 -6.11 7.43
CA ALA A 48 -12.75 -5.05 8.31
C ALA A 48 -13.69 -3.86 8.17
N ILE A 49 -14.14 -3.33 9.31
CA ILE A 49 -15.13 -2.25 9.34
C ILE A 49 -14.48 -1.02 9.95
N LYS A 50 -14.40 0.06 9.17
CA LYS A 50 -13.80 1.31 9.62
C LYS A 50 -14.92 2.29 9.97
N GLU A 51 -15.08 2.56 11.27
CA GLU A 51 -16.15 3.40 11.79
C GLU A 51 -15.68 4.83 12.06
N SER A 57 -18.75 14.32 12.24
CA SER A 57 -18.32 15.63 11.69
C SER A 57 -18.41 15.59 10.16
N PRO A 58 -19.12 16.53 9.51
CA PRO A 58 -19.30 16.53 8.03
C PRO A 58 -18.00 16.18 7.32
N LYS A 59 -16.91 16.84 7.71
CA LYS A 59 -15.58 16.58 7.07
C LYS A 59 -15.35 15.08 6.97
N ALA A 60 -15.27 14.40 8.12
CA ALA A 60 -15.04 12.93 8.13
C ALA A 60 -15.86 12.27 7.03
N ASN A 61 -17.17 12.51 7.01
CA ASN A 61 -18.05 11.80 6.02
C ASN A 61 -17.55 12.10 4.60
N LYS A 62 -17.39 13.37 4.24
CA LYS A 62 -16.85 13.71 2.91
C LYS A 62 -15.59 12.88 2.65
N GLU A 63 -14.72 12.74 3.64
CA GLU A 63 -13.42 12.05 3.44
C GLU A 63 -13.59 10.52 3.36
N ILE A 64 -14.41 9.93 4.23
CA ILE A 64 -14.66 8.46 4.12
C ILE A 64 -15.35 8.19 2.79
N LEU A 65 -16.20 9.11 2.33
CA LEU A 65 -16.96 8.87 1.08
C LEU A 65 -16.00 9.09 -0.09
N ASP A 66 -15.00 9.95 0.10
CA ASP A 66 -13.98 10.14 -0.97
C ASP A 66 -13.14 8.87 -1.01
N GLU A 67 -12.75 8.37 0.16
CA GLU A 67 -12.01 7.12 0.16
C GLU A 67 -12.86 5.98 -0.39
N ALA A 68 -14.13 5.91 0.00
CA ALA A 68 -15.03 4.91 -0.52
C ALA A 68 -15.21 5.04 -2.03
N TYR A 69 -15.22 6.27 -2.53
CA TYR A 69 -15.28 6.48 -3.97
C TYR A 69 -14.08 5.81 -4.66
N VAL A 70 -12.87 6.03 -4.15
CA VAL A 70 -11.68 5.49 -4.80
C VAL A 70 -11.69 3.97 -4.76
N MET A 71 -11.87 3.38 -3.58
CA MET A 71 -11.81 1.92 -3.46
C MET A 71 -12.88 1.23 -4.29
N ALA A 72 -14.04 1.87 -4.46
CA ALA A 72 -15.09 1.31 -5.31
C ALA A 72 -14.71 1.31 -6.78
N SER A 73 -13.69 2.08 -7.17
CA SER A 73 -13.33 2.25 -8.58
C SER A 73 -12.11 1.44 -8.98
N VAL A 74 -11.48 0.72 -8.06
CA VAL A 74 -10.32 -0.09 -8.36
C VAL A 74 -10.69 -1.56 -8.17
N ASP A 75 -10.04 -2.42 -8.97
CA ASP A 75 -10.29 -3.86 -8.91
C ASP A 75 -9.05 -4.54 -9.48
N ASN A 76 -8.17 -5.01 -8.58
CA ASN A 76 -6.92 -5.60 -8.96
C ASN A 76 -6.48 -6.54 -7.85
N PRO A 77 -5.86 -7.67 -8.19
CA PRO A 77 -5.45 -8.63 -7.15
C PRO A 77 -4.50 -8.05 -6.11
N HIS A 78 -3.85 -6.92 -6.38
CA HIS A 78 -2.90 -6.34 -5.45
C HIS A 78 -3.33 -4.96 -5.00
N VAL A 79 -4.64 -4.72 -5.00
CA VAL A 79 -5.24 -3.52 -4.46
C VAL A 79 -6.40 -3.95 -3.59
N CYS A 80 -6.51 -3.34 -2.40
CA CYS A 80 -7.56 -3.72 -1.46
C CYS A 80 -8.93 -3.42 -2.05
N ARG A 81 -9.80 -4.43 -2.06
CA ARG A 81 -11.11 -4.28 -2.66
C ARG A 81 -12.11 -3.72 -1.65
N LEU A 82 -13.03 -2.90 -2.16
CA LEU A 82 -14.12 -2.36 -1.36
C LEU A 82 -15.34 -3.27 -1.46
N LEU A 83 -15.90 -3.64 -0.32
CA LEU A 83 -17.11 -4.43 -0.29
C LEU A 83 -18.37 -3.57 -0.25
N GLY A 84 -18.34 -2.47 0.50
CA GLY A 84 -19.49 -1.60 0.58
C GLY A 84 -19.38 -0.69 1.79
N ILE A 85 -20.39 0.17 1.92
CA ILE A 85 -20.46 1.11 3.03
C ILE A 85 -21.80 0.93 3.73
N CYS A 86 -21.83 1.30 5.00
CA CYS A 86 -23.03 1.24 5.82
C CYS A 86 -23.35 2.63 6.36
N LEU A 87 -24.60 3.05 6.18
CA LEU A 87 -25.01 4.44 6.43
C LEU A 87 -25.66 4.56 7.81
N THR A 88 -24.82 4.72 8.82
CA THR A 88 -25.26 4.88 10.20
C THR A 88 -24.70 6.20 10.75
N SER A 89 -24.79 6.37 12.08
CA SER A 89 -24.31 7.55 12.80
C SER A 89 -23.13 8.20 12.10
N THR A 90 -22.02 7.47 12.00
CA THR A 90 -20.94 7.82 11.10
C THR A 90 -20.81 6.71 10.06
N VAL A 91 -20.47 7.10 8.83
CA VAL A 91 -20.37 6.14 7.74
C VAL A 91 -19.25 5.14 8.02
N GLN A 92 -19.53 3.87 7.73
CA GLN A 92 -18.59 2.78 7.90
C GLN A 92 -18.10 2.29 6.55
N LEU A 93 -16.78 2.08 6.45
CA LEU A 93 -16.15 1.43 5.30
C LEU A 93 -16.00 -0.05 5.59
N ILE A 94 -16.51 -0.90 4.69
CA ILE A 94 -16.41 -2.35 4.83
C ILE A 94 -15.47 -2.86 3.73
N THR A 95 -14.34 -3.42 4.13
CA THR A 95 -13.34 -3.93 3.20
C THR A 95 -12.96 -5.35 3.55
N GLN A 96 -12.19 -5.97 2.66
CA GLN A 96 -11.71 -7.33 2.92
C GLN A 96 -10.76 -7.33 4.11
N LEU A 97 -11.00 -8.26 5.03
CA LEU A 97 -10.12 -8.42 6.17
C LEU A 97 -8.80 -9.04 5.75
N MET A 98 -7.70 -8.39 6.12
CA MET A 98 -6.37 -8.89 5.82
C MET A 98 -5.76 -9.49 7.09
N PRO A 99 -5.78 -10.82 7.26
CA PRO A 99 -5.55 -11.41 8.58
C PRO A 99 -4.16 -11.18 9.16
N PHE A 100 -3.14 -11.01 8.34
CA PHE A 100 -1.78 -10.93 8.83
C PHE A 100 -1.31 -9.50 9.09
N GLY A 101 -2.19 -8.52 8.93
CA GLY A 101 -1.84 -7.18 9.30
C GLY A 101 -1.16 -6.42 8.19
N CYS A 102 -0.61 -5.27 8.63
CA CYS A 102 0.18 -4.49 7.70
C CYS A 102 1.57 -5.12 7.55
N LEU A 103 2.18 -4.83 6.35
CA LEU A 103 3.48 -5.44 6.06
C LEU A 103 4.59 -4.85 6.94
N LEU A 104 4.45 -3.59 7.37
CA LEU A 104 5.48 -3.00 8.22
C LEU A 104 5.59 -3.75 9.54
N ASP A 105 4.47 -4.00 10.20
CA ASP A 105 4.50 -4.77 11.44
C ASP A 105 4.89 -6.22 11.19
N TYR A 106 4.53 -6.76 10.02
CA TYR A 106 4.77 -8.17 9.77
C TYR A 106 6.26 -8.47 9.62
N VAL A 107 7.00 -7.64 8.88
CA VAL A 107 8.42 -7.90 8.72
C VAL A 107 9.17 -7.62 10.01
N ARG A 108 8.68 -6.68 10.83
CA ARG A 108 9.25 -6.48 12.15
C ARG A 108 9.04 -7.71 13.03
N GLU A 109 7.80 -8.22 13.07
CA GLU A 109 7.48 -9.34 13.97
C GLU A 109 8.13 -10.64 13.51
N HIS A 110 8.35 -10.81 12.22
CA HIS A 110 8.91 -12.04 11.68
C HIS A 110 10.30 -11.78 11.08
N LYS A 111 11.07 -10.92 11.75
CA LYS A 111 12.39 -10.53 11.25
C LYS A 111 13.27 -11.74 10.98
N ASP A 112 13.21 -12.75 11.84
CA ASP A 112 14.07 -13.91 11.75
C ASP A 112 13.51 -15.00 10.83
N ASN A 113 12.51 -14.69 10.04
CA ASN A 113 11.92 -15.71 9.18
C ASN A 113 11.59 -15.21 7.78
N ILE A 114 11.90 -13.96 7.45
CA ILE A 114 11.60 -13.42 6.13
C ILE A 114 12.73 -13.82 5.19
N GLY A 115 12.42 -14.66 4.20
CA GLY A 115 13.40 -15.05 3.20
C GLY A 115 13.44 -14.11 2.02
N SER A 116 14.49 -14.26 1.21
CA SER A 116 14.66 -13.40 0.04
C SER A 116 13.56 -13.63 -1.00
N GLN A 117 13.01 -14.84 -1.04
CA GLN A 117 11.91 -15.11 -1.96
C GLN A 117 10.69 -14.27 -1.59
N TYR A 118 10.35 -14.21 -0.30
CA TYR A 118 9.21 -13.40 0.14
C TYR A 118 9.46 -11.91 -0.10
N LEU A 119 10.67 -11.44 0.21
CA LEU A 119 10.98 -10.03 0.02
C LEU A 119 10.87 -9.62 -1.44
N LEU A 120 11.49 -10.38 -2.34
CA LEU A 120 11.44 -9.99 -3.75
C LEU A 120 10.05 -10.16 -4.34
N ASN A 121 9.28 -11.13 -3.85
CA ASN A 121 7.93 -11.32 -4.38
C ASN A 121 6.99 -10.20 -3.93
N TRP A 122 7.13 -9.74 -2.68
CA TRP A 122 6.35 -8.58 -2.24
C TRP A 122 6.66 -7.36 -3.09
N CYS A 123 7.94 -7.16 -3.44
CA CYS A 123 8.30 -6.04 -4.31
C CYS A 123 7.62 -6.16 -5.67
N VAL A 124 7.51 -7.39 -6.20
CA VAL A 124 6.81 -7.57 -7.47
C VAL A 124 5.34 -7.25 -7.32
N GLN A 125 4.73 -7.70 -6.22
CA GLN A 125 3.29 -7.53 -6.08
C GLN A 125 2.91 -6.08 -5.83
N ILE A 126 3.74 -5.35 -5.07
CA ILE A 126 3.44 -3.95 -4.82
C ILE A 126 3.54 -3.14 -6.10
N ALA A 127 4.56 -3.43 -6.92
CA ALA A 127 4.70 -2.73 -8.19
C ALA A 127 3.56 -3.07 -9.14
N LYS A 128 3.08 -4.31 -9.12
CA LYS A 128 1.90 -4.66 -9.91
C LYS A 128 0.69 -3.83 -9.50
N GLY A 129 0.43 -3.75 -8.19
CA GLY A 129 -0.68 -2.95 -7.71
C GLY A 129 -0.52 -1.47 -8.03
N MET A 130 0.69 -0.93 -7.85
CA MET A 130 0.93 0.46 -8.21
C MET A 130 0.82 0.67 -9.71
N ASN A 131 1.32 -0.28 -10.49
CA ASN A 131 1.18 -0.17 -11.94
C ASN A 131 -0.28 -0.13 -12.35
N TYR A 132 -1.13 -0.89 -11.65
CA TYR A 132 -2.56 -0.86 -11.94
C TYR A 132 -3.17 0.48 -11.56
N LEU A 133 -2.79 1.02 -10.41
CA LEU A 133 -3.25 2.35 -10.02
C LEU A 133 -2.86 3.39 -11.05
N GLU A 134 -1.68 3.24 -11.67
CA GLU A 134 -1.28 4.17 -12.73
C GLU A 134 -2.18 4.01 -13.95
N ASP A 135 -2.59 2.79 -14.27
CA ASP A 135 -3.51 2.56 -15.38
C ASP A 135 -4.85 3.27 -15.14
N ARG A 136 -5.36 3.22 -13.90
CA ARG A 136 -6.58 3.93 -13.54
C ARG A 136 -6.37 5.43 -13.40
N ARG A 137 -5.20 5.94 -13.80
CA ARG A 137 -4.85 7.34 -13.68
C ARG A 137 -5.01 7.83 -12.24
N LEU A 138 -4.44 7.06 -11.31
CA LEU A 138 -4.64 7.30 -9.89
C LEU A 138 -3.29 7.46 -9.21
N VAL A 139 -3.13 8.53 -8.45
CA VAL A 139 -1.90 8.80 -7.70
C VAL A 139 -2.19 8.50 -6.24
N HIS A 140 -1.43 7.57 -5.66
CA HIS A 140 -1.73 7.08 -4.33
C HIS A 140 -1.40 8.12 -3.26
N ARG A 141 -0.26 8.80 -3.41
CA ARG A 141 0.26 9.85 -2.53
C ARG A 141 0.57 9.38 -1.10
N ASP A 142 0.49 8.09 -0.79
CA ASP A 142 0.81 7.64 0.56
C ASP A 142 1.24 6.18 0.54
N LEU A 143 2.03 5.80 -0.47
CA LEU A 143 2.58 4.45 -0.50
C LEU A 143 3.63 4.30 0.59
N ALA A 144 3.43 3.32 1.46
CA ALA A 144 4.37 3.01 2.53
C ALA A 144 4.12 1.60 3.01
N ALA A 145 5.08 1.06 3.75
CA ALA A 145 4.96 -0.32 4.23
C ALA A 145 3.80 -0.48 5.21
N ARG A 146 3.44 0.58 5.94
CA ARG A 146 2.29 0.49 6.83
C ARG A 146 0.98 0.36 6.06
N ASN A 147 0.94 0.83 4.81
CA ASN A 147 -0.27 0.79 3.99
C ASN A 147 -0.27 -0.37 2.99
N VAL A 148 0.41 -1.45 3.31
CA VAL A 148 0.38 -2.67 2.50
C VAL A 148 -0.03 -3.79 3.45
N LEU A 149 -1.24 -4.33 3.27
CA LEU A 149 -1.65 -5.42 4.14
C LEU A 149 -1.33 -6.77 3.52
N VAL A 150 -1.48 -7.79 4.35
CA VAL A 150 -1.05 -9.15 4.06
C VAL A 150 -2.29 -10.03 4.13
N LYS A 151 -2.76 -10.50 2.98
CA LYS A 151 -3.80 -11.52 2.97
C LYS A 151 -3.24 -12.85 3.45
N THR A 152 -2.20 -13.33 2.79
CA THR A 152 -1.36 -14.44 3.21
C THR A 152 0.07 -13.98 3.05
N PRO A 153 1.04 -14.63 3.71
CA PRO A 153 2.44 -14.29 3.44
C PRO A 153 2.82 -14.35 1.97
N GLN A 154 2.04 -15.02 1.14
CA GLN A 154 2.32 -15.11 -0.29
C GLN A 154 1.53 -14.10 -1.11
N HIS A 155 0.78 -13.20 -0.47
CA HIS A 155 -0.14 -12.33 -1.18
C HIS A 155 -0.35 -11.05 -0.37
N VAL A 156 0.06 -9.92 -0.93
CA VAL A 156 -0.09 -8.62 -0.30
C VAL A 156 -0.92 -7.71 -1.21
N LYS A 157 -1.53 -6.68 -0.61
CA LYS A 157 -2.34 -5.72 -1.32
C LYS A 157 -2.07 -4.31 -0.79
N ILE A 158 -2.24 -3.32 -1.68
CA ILE A 158 -2.10 -1.90 -1.35
C ILE A 158 -3.42 -1.37 -0.82
N THR A 159 -3.36 -0.42 0.12
CA THR A 159 -4.53 0.06 0.83
C THR A 159 -4.40 1.55 1.13
N ASP A 160 -5.38 2.06 1.86
CA ASP A 160 -5.37 3.39 2.47
C ASP A 160 -5.32 4.43 1.38
N PHE A 161 -6.46 4.66 0.75
CA PHE A 161 -6.58 5.63 -0.32
C PHE A 161 -7.12 6.96 0.18
N GLY A 162 -6.94 7.25 1.47
CA GLY A 162 -7.40 8.51 2.02
C GLY A 162 -6.77 9.73 1.38
N LEU A 163 -5.61 9.55 0.76
CA LEU A 163 -4.90 10.64 0.11
C LEU A 163 -4.92 10.51 -1.41
N ALA A 164 -5.59 9.49 -1.95
CA ALA A 164 -5.50 9.20 -3.37
C ALA A 164 -6.25 10.24 -4.19
N LYS A 165 -5.78 10.45 -5.42
CA LYS A 165 -6.33 11.45 -6.31
C LYS A 165 -6.40 10.89 -7.72
N LEU A 166 -7.47 11.26 -8.44
CA LEU A 166 -7.67 10.84 -9.82
C LEU A 166 -7.25 11.97 -10.75
N LEU A 167 -6.43 11.65 -11.74
CA LEU A 167 -5.91 12.61 -12.70
C LEU A 167 -6.74 12.58 -13.99
N GLY A 168 -6.77 13.71 -14.68
CA GLY A 168 -7.55 13.85 -15.89
C GLY A 168 -6.88 13.25 -17.11
N GLU A 173 0.04 15.89 -13.60
CA GLU A 173 0.40 15.97 -12.18
C GLU A 173 -0.71 16.58 -11.33
N TYR A 174 -0.55 16.44 -10.00
CA TYR A 174 -1.50 16.94 -9.01
C TYR A 174 -0.84 17.98 -8.13
N HIS A 175 -1.57 19.07 -7.83
CA HIS A 175 -1.05 20.19 -7.04
C HIS A 175 -1.85 20.27 -5.74
N ALA A 176 -1.22 19.89 -4.62
CA ALA A 176 -1.85 19.96 -3.30
C ALA A 176 -1.81 21.36 -2.71
N VAL A 181 1.17 15.54 5.54
CA VAL A 181 1.72 14.50 4.66
C VAL A 181 3.00 13.89 5.23
N PRO A 182 3.14 12.55 5.11
CA PRO A 182 4.35 11.86 5.60
C PRO A 182 5.59 12.25 4.82
N ILE A 183 6.48 13.04 5.45
CA ILE A 183 7.54 13.72 4.71
C ILE A 183 8.60 12.73 4.25
N LYS A 184 8.86 11.70 5.06
CA LYS A 184 9.97 10.79 4.81
C LYS A 184 9.68 9.76 3.73
N TRP A 185 8.50 9.77 3.14
CA TRP A 185 8.18 8.88 2.02
C TRP A 185 7.94 9.62 0.72
N MET A 186 7.80 10.94 0.74
CA MET A 186 7.44 11.68 -0.45
C MET A 186 8.68 12.20 -1.17
N ALA A 187 8.54 12.39 -2.47
CA ALA A 187 9.64 12.87 -3.29
C ALA A 187 9.98 14.31 -2.93
N LEU A 188 11.17 14.73 -3.37
CA LEU A 188 11.61 16.10 -3.11
C LEU A 188 10.66 17.10 -3.74
N GLU A 189 10.20 16.81 -4.96
CA GLU A 189 9.23 17.67 -5.62
C GLU A 189 7.94 17.78 -4.82
N SER A 190 7.53 16.68 -4.18
CA SER A 190 6.33 16.73 -3.34
C SER A 190 6.53 17.60 -2.11
N ILE A 191 7.76 17.66 -1.59
CA ILE A 191 8.03 18.45 -0.40
C ILE A 191 8.22 19.91 -0.75
N LEU A 192 8.95 20.20 -1.82
CA LEU A 192 9.27 21.58 -2.14
C LEU A 192 8.07 22.31 -2.76
N HIS A 193 7.32 21.65 -3.64
CA HIS A 193 6.30 22.30 -4.44
C HIS A 193 4.90 21.72 -4.30
N ARG A 194 4.76 20.58 -3.62
CA ARG A 194 3.46 19.90 -3.43
C ARG A 194 2.95 19.26 -4.73
N ILE A 195 3.85 18.91 -5.64
CA ILE A 195 3.50 18.22 -6.89
C ILE A 195 3.55 16.71 -6.67
N TYR A 196 2.51 16.01 -7.13
CA TYR A 196 2.45 14.55 -7.02
C TYR A 196 2.19 13.94 -8.39
N THR A 197 2.96 12.90 -8.72
CA THR A 197 2.78 12.16 -9.96
C THR A 197 2.85 10.67 -9.63
N HIS A 198 2.56 9.84 -10.64
CA HIS A 198 2.91 8.43 -10.51
C HIS A 198 4.41 8.27 -10.26
N GLN A 199 5.22 9.23 -10.74
CA GLN A 199 6.66 9.16 -10.51
C GLN A 199 7.04 9.60 -9.10
N SER A 200 6.23 10.43 -8.45
CA SER A 200 6.44 10.64 -7.02
C SER A 200 6.04 9.40 -6.23
N ASP A 201 5.08 8.61 -6.74
CA ASP A 201 4.75 7.34 -6.10
C ASP A 201 5.91 6.37 -6.21
N VAL A 202 6.64 6.40 -7.33
CA VAL A 202 7.83 5.57 -7.48
C VAL A 202 8.83 5.87 -6.37
N TRP A 203 8.99 7.14 -6.02
CA TRP A 203 9.84 7.49 -4.89
C TRP A 203 9.36 6.82 -3.62
N SER A 204 8.06 6.94 -3.32
CA SER A 204 7.51 6.27 -2.15
C SER A 204 7.68 4.76 -2.25
N TYR A 205 7.55 4.21 -3.45
CA TYR A 205 7.85 2.80 -3.66
C TYR A 205 9.29 2.49 -3.26
N GLY A 206 10.23 3.37 -3.60
CA GLY A 206 11.61 3.16 -3.21
C GLY A 206 11.80 3.13 -1.70
N VAL A 207 11.19 4.09 -1.00
CA VAL A 207 11.26 4.09 0.45
C VAL A 207 10.59 2.84 1.02
N THR A 208 9.50 2.39 0.39
CA THR A 208 8.80 1.19 0.87
C THR A 208 9.67 -0.06 0.70
N VAL A 209 10.36 -0.19 -0.44
CA VAL A 209 11.26 -1.32 -0.64
C VAL A 209 12.38 -1.28 0.39
N TRP A 210 12.92 -0.09 0.65
CA TRP A 210 13.92 0.07 1.71
C TRP A 210 13.39 -0.39 3.05
N GLU A 211 12.13 -0.07 3.36
CA GLU A 211 11.55 -0.49 4.62
C GLU A 211 11.53 -2.01 4.75
N LEU A 212 11.20 -2.72 3.66
CA LEU A 212 11.14 -4.17 3.70
C LEU A 212 12.53 -4.78 3.85
N MET A 213 13.50 -4.29 3.08
CA MET A 213 14.83 -4.88 3.09
C MET A 213 15.54 -4.66 4.43
N THR A 214 15.19 -3.60 5.14
CA THR A 214 15.72 -3.35 6.47
C THR A 214 14.85 -3.98 7.55
N PHE A 215 13.91 -4.84 7.17
CA PHE A 215 13.06 -5.60 8.10
C PHE A 215 12.26 -4.68 9.03
N GLY A 216 11.93 -3.48 8.57
CA GLY A 216 11.07 -2.59 9.32
C GLY A 216 11.72 -1.38 9.95
N SER A 217 12.94 -1.01 9.53
CA SER A 217 13.60 0.15 10.13
C SER A 217 12.85 1.43 9.76
N LYS A 218 13.07 2.45 10.55
CA LYS A 218 12.39 3.71 10.27
C LYS A 218 13.25 4.58 9.37
N PRO A 219 12.70 5.12 8.29
CA PRO A 219 13.51 5.94 7.37
C PRO A 219 13.99 7.21 8.04
N TYR A 220 15.28 7.49 7.91
CA TYR A 220 15.88 8.70 8.47
C TYR A 220 15.59 8.78 9.95
N ASP A 221 15.77 7.64 10.63
CA ASP A 221 15.41 7.51 12.03
C ASP A 221 16.20 8.51 12.88
N GLY A 222 15.48 9.38 13.58
CA GLY A 222 16.07 10.41 14.39
C GLY A 222 16.03 11.80 13.79
N ILE A 223 16.11 11.89 12.46
CA ILE A 223 16.08 13.18 11.77
C ILE A 223 14.66 13.71 11.83
N PRO A 224 14.41 14.86 12.47
CA PRO A 224 13.09 15.50 12.35
C PRO A 224 12.67 15.64 10.90
N ALA A 225 11.38 15.87 10.68
CA ALA A 225 10.92 15.93 9.30
C ALA A 225 11.28 17.24 8.61
N SER A 226 11.59 18.28 9.38
CA SER A 226 11.82 19.59 8.77
C SER A 226 13.15 19.65 8.03
N GLU A 227 14.17 18.87 8.43
CA GLU A 227 15.44 18.90 7.70
C GLU A 227 15.49 17.94 6.52
N ILE A 228 14.47 17.10 6.34
CA ILE A 228 14.48 16.13 5.24
C ILE A 228 14.64 16.82 3.89
N SER A 229 13.96 17.96 3.70
CA SER A 229 14.07 18.67 2.43
C SER A 229 15.49 19.16 2.16
N SER A 230 16.23 19.49 3.22
CA SER A 230 17.61 19.93 3.05
C SER A 230 18.53 18.76 2.72
N ILE A 231 18.35 17.65 3.45
CA ILE A 231 19.19 16.47 3.26
C ILE A 231 19.10 15.96 1.82
N LEU A 232 17.89 15.84 1.30
CA LEU A 232 17.72 15.29 -0.05
C LEU A 232 18.21 16.25 -1.12
N GLU A 233 18.13 17.56 -0.85
CA GLU A 233 18.63 18.54 -1.82
C GLU A 233 20.14 18.46 -1.96
N LYS A 234 20.86 18.26 -0.84
CA LYS A 234 22.32 18.21 -0.90
C LYS A 234 22.86 16.91 -1.48
N GLY A 235 22.01 15.92 -1.73
CA GLY A 235 22.38 14.72 -2.46
C GLY A 235 22.33 13.43 -1.68
N GLU A 236 21.93 13.47 -0.41
CA GLU A 236 21.92 12.31 0.46
C GLU A 236 20.65 11.49 0.28
N ARG A 237 20.78 10.18 0.49
CA ARG A 237 19.66 9.25 0.36
C ARG A 237 19.70 8.25 1.50
N LEU A 238 18.78 7.30 1.46
CA LEU A 238 18.75 6.22 2.46
C LEU A 238 19.92 5.26 2.23
N PRO A 239 20.46 4.70 3.30
CA PRO A 239 21.64 3.84 3.17
C PRO A 239 21.31 2.50 2.52
N GLN A 240 22.38 1.81 2.12
CA GLN A 240 22.23 0.50 1.50
C GLN A 240 21.96 -0.55 2.56
N PRO A 241 20.83 -1.26 2.50
CA PRO A 241 20.53 -2.22 3.55
C PRO A 241 21.56 -3.33 3.55
N PRO A 242 21.83 -3.92 4.73
CA PRO A 242 22.86 -4.96 4.83
C PRO A 242 22.62 -6.14 3.90
N ILE A 243 21.39 -6.65 3.83
CA ILE A 243 21.12 -7.81 2.98
C ILE A 243 21.12 -7.50 1.49
N CYS A 244 21.26 -6.23 1.11
CA CYS A 244 21.04 -5.83 -0.27
C CYS A 244 22.32 -5.85 -1.07
N THR A 245 22.31 -6.60 -2.16
CA THR A 245 23.34 -6.46 -3.17
C THR A 245 23.21 -5.08 -3.83
N ILE A 246 24.27 -4.70 -4.55
CA ILE A 246 24.24 -3.43 -5.26
C ILE A 246 23.16 -3.44 -6.35
N ASP A 247 22.76 -4.62 -6.83
CA ASP A 247 21.72 -4.68 -7.85
C ASP A 247 20.38 -4.18 -7.29
N VAL A 248 20.03 -4.59 -6.07
CA VAL A 248 18.78 -4.15 -5.48
C VAL A 248 18.90 -2.70 -5.01
N TYR A 249 20.03 -2.34 -4.41
CA TYR A 249 20.20 -0.97 -3.92
C TYR A 249 20.22 0.04 -5.06
N MET A 250 20.75 -0.34 -6.22
CA MET A 250 20.73 0.53 -7.40
C MET A 250 19.30 0.86 -7.80
N ILE A 251 18.42 -0.14 -7.81
CA ILE A 251 17.03 0.12 -8.17
C ILE A 251 16.40 1.12 -7.20
N MET A 252 16.67 0.95 -5.90
CA MET A 252 16.16 1.92 -4.92
C MET A 252 16.67 3.32 -5.23
N VAL A 253 17.99 3.45 -5.44
CA VAL A 253 18.56 4.76 -5.70
C VAL A 253 17.95 5.38 -6.95
N LYS A 254 17.63 4.56 -7.95
CA LYS A 254 16.98 5.08 -9.15
C LYS A 254 15.60 5.67 -8.83
N CYS A 255 14.88 5.09 -7.86
CA CYS A 255 13.60 5.64 -7.44
C CYS A 255 13.72 7.00 -6.77
N TRP A 256 14.93 7.38 -6.37
CA TRP A 256 15.18 8.60 -5.61
C TRP A 256 15.93 9.63 -6.43
N MET A 257 15.89 9.52 -7.76
CA MET A 257 16.47 10.54 -8.61
C MET A 257 15.77 11.88 -8.39
N ILE A 258 16.53 12.95 -8.53
CA ILE A 258 15.93 14.29 -8.50
C ILE A 258 14.99 14.45 -9.70
N ASP A 259 15.45 14.07 -10.89
CA ASP A 259 14.65 14.16 -12.10
C ASP A 259 13.65 13.02 -12.12
N ALA A 260 12.36 13.36 -11.97
CA ALA A 260 11.33 12.34 -11.77
C ALA A 260 11.19 11.43 -12.98
N ASP A 261 11.42 11.94 -14.18
CA ASP A 261 11.32 11.12 -15.38
C ASP A 261 12.55 10.24 -15.61
N SER A 262 13.58 10.39 -14.77
CA SER A 262 14.70 9.46 -14.77
C SER A 262 14.44 8.26 -13.87
N ARG A 263 13.48 8.37 -12.95
CA ARG A 263 13.12 7.25 -12.10
C ARG A 263 12.43 6.17 -12.93
N PRO A 264 12.47 4.91 -12.47
CA PRO A 264 11.85 3.84 -13.24
C PRO A 264 10.33 3.87 -13.15
N LYS A 265 9.70 3.26 -14.14
CA LYS A 265 8.25 3.09 -14.15
C LYS A 265 7.87 1.81 -13.42
N PHE A 266 6.63 1.78 -12.93
CA PHE A 266 6.18 0.60 -12.20
C PHE A 266 6.18 -0.64 -13.08
N ARG A 267 5.94 -0.50 -14.39
CA ARG A 267 5.98 -1.66 -15.26
C ARG A 267 7.39 -2.20 -15.39
N GLU A 268 8.39 -1.32 -15.30
CA GLU A 268 9.79 -1.74 -15.31
C GLU A 268 10.19 -2.37 -13.99
N LEU A 269 9.76 -1.76 -12.87
CA LEU A 269 10.03 -2.34 -11.55
C LEU A 269 9.47 -3.75 -11.44
N ILE A 270 8.32 -4.02 -12.07
CA ILE A 270 7.78 -5.37 -12.11
C ILE A 270 8.76 -6.30 -12.82
N ILE A 271 9.23 -5.89 -14.00
CA ILE A 271 10.13 -6.73 -14.78
C ILE A 271 11.43 -6.99 -14.01
N GLU A 272 12.00 -5.96 -13.39
CA GLU A 272 13.31 -6.09 -12.75
C GLU A 272 13.24 -7.03 -11.56
N PHE A 273 12.31 -6.79 -10.63
CA PHE A 273 12.20 -7.65 -9.46
C PHE A 273 11.73 -9.04 -9.82
N SER A 274 10.93 -9.18 -10.90
CA SER A 274 10.56 -10.50 -11.39
C SER A 274 11.80 -11.33 -11.72
N LYS A 275 12.76 -10.74 -12.45
CA LYS A 275 13.97 -11.48 -12.79
C LYS A 275 14.74 -11.86 -11.52
N MET A 276 14.76 -10.96 -10.54
CA MET A 276 15.48 -11.24 -9.31
C MET A 276 14.79 -12.32 -8.48
N ALA A 277 13.46 -12.39 -8.53
CA ALA A 277 12.73 -13.41 -7.80
C ALA A 277 12.96 -14.82 -8.35
N ARG A 278 13.57 -14.95 -9.53
CA ARG A 278 13.94 -16.25 -10.07
C ARG A 278 15.28 -16.75 -9.56
N ASP A 279 16.07 -15.88 -8.91
CA ASP A 279 17.31 -16.29 -8.26
C ASP A 279 17.51 -15.44 -7.03
N PRO A 280 16.64 -15.60 -6.03
CA PRO A 280 16.59 -14.64 -4.92
C PRO A 280 17.90 -14.55 -4.13
N GLN A 281 18.57 -15.69 -3.88
CA GLN A 281 19.80 -15.66 -3.11
C GLN A 281 20.95 -14.98 -3.84
N ARG A 282 20.77 -14.65 -5.12
CA ARG A 282 21.76 -13.89 -5.87
C ARG A 282 21.67 -12.39 -5.63
N TYR A 283 20.53 -11.91 -5.12
CA TYR A 283 20.34 -10.49 -4.92
C TYR A 283 20.10 -10.10 -3.47
N LEU A 284 19.74 -11.03 -2.60
CA LEU A 284 19.53 -10.72 -1.19
C LEU A 284 20.32 -11.73 -0.36
N VAL A 285 21.30 -11.23 0.39
CA VAL A 285 22.17 -12.06 1.21
C VAL A 285 21.61 -12.01 2.62
N ILE A 286 20.84 -13.02 3.00
CA ILE A 286 20.21 -13.12 4.31
C ILE A 286 20.74 -14.36 5.00
N GLN A 287 21.11 -14.20 6.26
CA GLN A 287 21.63 -15.33 7.07
C GLN A 287 20.57 -16.41 7.21
N GLY A 288 20.93 -17.65 6.92
CA GLY A 288 19.98 -18.73 7.10
C GLY A 288 18.84 -18.73 6.10
N ASP A 289 19.05 -18.17 4.91
CA ASP A 289 18.01 -18.11 3.90
C ASP A 289 17.61 -19.51 3.47
N MET A 312 -17.92 -21.55 11.75
CA MET A 312 -16.98 -21.29 10.66
C MET A 312 -16.84 -22.45 9.70
N ASP A 313 -17.66 -22.46 8.66
CA ASP A 313 -17.50 -23.44 7.59
C ASP A 313 -18.04 -22.86 6.28
N ASP A 314 -19.08 -22.04 6.36
CA ASP A 314 -19.53 -21.30 5.20
C ASP A 314 -18.69 -20.06 4.95
N VAL A 315 -17.49 -20.02 5.52
CA VAL A 315 -16.63 -18.86 5.37
C VAL A 315 -16.13 -18.78 3.93
N VAL A 316 -16.12 -17.57 3.37
CA VAL A 316 -15.68 -17.31 2.02
C VAL A 316 -14.86 -16.04 2.06
N ASP A 317 -13.63 -16.09 1.55
CA ASP A 317 -12.85 -14.88 1.45
C ASP A 317 -13.48 -13.94 0.43
N ALA A 318 -13.25 -12.62 0.63
CA ALA A 318 -13.87 -11.63 -0.25
C ALA A 318 -13.49 -11.84 -1.71
N ASP A 319 -12.29 -12.38 -1.98
CA ASP A 319 -11.87 -12.57 -3.36
C ASP A 319 -12.67 -13.63 -4.09
N GLU A 320 -13.32 -14.53 -3.36
CA GLU A 320 -14.16 -15.55 -3.96
C GLU A 320 -15.65 -15.21 -3.90
N TYR A 321 -16.01 -14.06 -3.35
CA TYR A 321 -17.39 -13.60 -3.29
C TYR A 321 -17.52 -12.42 -4.26
N LEU A 322 -17.77 -12.73 -5.52
CA LEU A 322 -17.79 -11.72 -6.55
C LEU A 322 -19.22 -11.27 -6.87
C10 A1BYD B . -6.98 -5.39 8.13
C02 A1BYD B . -2.70 -3.18 10.79
C03 A1BYD B . -1.58 -2.30 11.02
C04 A1BYD B . -0.46 -2.30 10.19
C06 A1BYD B . -3.98 -5.38 11.44
C07 A1BYD B . -4.82 -5.41 10.35
C08 A1BYD B . -5.66 -6.49 10.11
C12 A1BYD B . -7.05 -3.11 7.79
C13 A1BYD B . -6.66 -1.71 8.29
C14 A1BYD B . -6.32 -1.41 9.63
C15 A1BYD B . -6.21 -2.27 10.92
C16 A1BYD B . -5.84 -1.49 12.18
C17 A1BYD B . -4.98 -0.29 11.88
C18 A1BYD B . -5.64 0.64 10.89
C20 A1BYD B . -6.20 0.51 8.42
C21 A1BYD B . -6.59 -0.48 7.52
C22 A1BYD B . -6.81 -0.12 6.17
C23 A1BYD B . -6.65 1.20 5.73
C24 A1BYD B . -6.26 2.19 6.64
C25 A1BYD B . -6.03 1.85 7.98
C26 A1BYD B . -7.77 -3.30 6.61
C27 A1BYD B . -8.06 -4.61 6.24
C29 A1BYD B . -5.65 -7.56 11.00
C31 A1BYD B . -6.68 -9.45 11.94
C32 A1BYD B . -4.82 -7.54 12.12
C33 A1BYD B . -3.98 -6.45 12.34
C35 A1BYD B . -1.71 -6.94 13.43
C36 A1BYD B . -3.59 -5.86 14.80
C37 A1BYD B . -2.97 -4.44 15.01
C39 A1BYD B . -2.62 -4.26 17.37
C40 A1BYD B . -0.95 -3.44 15.86
N05 A1BYD B . -3.09 -4.24 11.73
N09 A1BYD B . -6.56 -6.55 8.94
N11 A1BYD B . -6.69 -4.16 8.50
N19 A1BYD B . -6.04 -0.07 9.67
N28 A1BYD B . -7.66 -5.61 7.01
N34 A1BYD B . -3.08 -6.42 13.52
N38 A1BYD B . -1.96 -4.49 16.08
O01 A1BYD B . -3.06 -3.12 9.66
O30 A1BYD B . -6.50 -8.66 10.78
#